data_7EWX
#
_entry.id   7EWX
#
_cell.length_a   69.319
_cell.length_b   41.399
_cell.length_c   85.776
_cell.angle_alpha   90.000
_cell.angle_beta   104.940
_cell.angle_gamma   90.000
#
_symmetry.space_group_name_H-M   'P 1 21 1'
#
loop_
_entity.id
_entity.type
_entity.pdbx_description
1 polymer Replicase
2 non-polymer 'MANGANESE (II) ION'
3 non-polymer 'CHLORIDE ION'
4 water water
#
_entity_poly.entity_id   1
_entity_poly.type   'polypeptide(L)'
_entity_poly.pdbx_seq_one_letter_code
;MGSSHHHHHHSSGLVPRGSHMASMTGGQQMGRGSEFMEDPMYEQFLQRIQAVRTATVAKDISADILEARHDYFGRELCRA
LDIEYRNNVLLDEIILDVYPGVNLMEYNVPHVTADNYIWTGDMLLILDYKVSVGHDSTEVTYKKYTTLILPVMQEIGINT
EICIIRANPVTNQISIVGEQFKRLFPTIPVELNFARFFELRKMLLDKFADDEEFLMMIA
;
_entity_poly.pdbx_strand_id   A,B
#
loop_
_chem_comp.id
_chem_comp.type
_chem_comp.name
_chem_comp.formula
CL non-polymer 'CHLORIDE ION' 'Cl -1'
MN non-polymer 'MANGANESE (II) ION' 'Mn 2'
#
# COMPACT_ATOMS: atom_id res chain seq x y z
N ASP A 39 1.18 28.76 -23.59
CA ASP A 39 0.23 28.40 -22.54
C ASP A 39 -0.51 29.66 -22.04
N PRO A 40 -1.82 29.70 -22.27
CA PRO A 40 -2.62 30.85 -21.79
C PRO A 40 -2.59 31.05 -20.28
N MET A 41 -2.72 29.97 -19.49
CA MET A 41 -2.63 30.11 -18.03
C MET A 41 -1.24 30.59 -17.63
N TYR A 42 -0.20 30.05 -18.26
CA TYR A 42 1.16 30.50 -17.98
C TYR A 42 1.30 31.99 -18.22
N GLU A 43 0.68 32.49 -19.29
CA GLU A 43 0.75 33.90 -19.64
C GLU A 43 0.13 34.77 -18.56
N GLN A 44 -1.05 34.37 -18.08
CA GLN A 44 -1.70 35.11 -17.01
C GLN A 44 -0.83 35.16 -15.76
N PHE A 45 -0.23 34.02 -15.39
CA PHE A 45 0.63 34.00 -14.21
C PHE A 45 1.83 34.89 -14.40
N LEU A 46 2.44 34.86 -15.58
CA LEU A 46 3.61 35.70 -15.80
C LEU A 46 3.25 37.17 -15.68
N GLN A 47 2.05 37.54 -16.16
CA GLN A 47 1.63 38.93 -16.04
C GLN A 47 1.41 39.31 -14.58
N ARG A 48 0.79 38.42 -13.80
CA ARG A 48 0.64 38.69 -12.37
C ARG A 48 2.00 38.82 -11.69
N ILE A 49 2.96 37.97 -12.07
CA ILE A 49 4.28 37.99 -11.45
C ILE A 49 5.04 39.25 -11.83
N GLN A 50 4.89 39.70 -13.09
CA GLN A 50 5.53 40.94 -13.50
C GLN A 50 5.04 42.12 -12.68
N ALA A 51 3.72 42.22 -12.49
CA ALA A 51 3.11 43.36 -11.82
C ALA A 51 3.24 43.34 -10.30
N VAL A 52 3.52 42.19 -9.69
CA VAL A 52 3.40 42.08 -8.24
C VAL A 52 4.54 42.82 -7.55
N ARG A 53 4.22 43.52 -6.46
CA ARG A 53 5.22 44.23 -5.68
C ARG A 53 5.16 43.93 -4.18
N THR A 54 4.11 43.32 -3.67
CA THR A 54 4.00 43.12 -2.23
C THR A 54 3.96 41.63 -1.89
N ALA A 55 4.29 41.33 -0.62
CA ALA A 55 4.36 39.94 -0.18
C ALA A 55 2.98 39.28 -0.14
N THR A 56 1.94 40.03 0.26
CA THR A 56 0.60 39.44 0.33
C THR A 56 0.14 38.96 -1.03
N VAL A 57 0.26 39.81 -2.05
CA VAL A 57 -0.11 39.37 -3.39
C VAL A 57 0.81 38.26 -3.87
N ALA A 58 2.12 38.37 -3.59
CA ALA A 58 3.05 37.33 -4.02
C ALA A 58 2.67 35.98 -3.43
N LYS A 59 2.24 35.96 -2.16
CA LYS A 59 1.82 34.71 -1.53
C LYS A 59 0.54 34.19 -2.16
N ASP A 60 -0.34 35.11 -2.61
CA ASP A 60 -1.56 34.70 -3.30
C ASP A 60 -1.25 34.10 -4.66
N ILE A 61 -0.33 34.72 -5.42
CA ILE A 61 0.05 34.16 -6.71
C ILE A 61 0.58 32.74 -6.54
N SER A 62 1.46 32.55 -5.55
CA SER A 62 2.06 31.24 -5.34
C SER A 62 1.01 30.19 -5.01
N ALA A 63 0.05 30.54 -4.16
CA ALA A 63 -1.01 29.59 -3.84
C ALA A 63 -1.84 29.28 -5.06
N ASP A 64 -2.02 30.26 -5.95
CA ASP A 64 -2.74 30.02 -7.20
C ASP A 64 -1.96 29.12 -8.14
N ILE A 65 -0.63 29.29 -8.19
CA ILE A 65 0.20 28.38 -8.99
C ILE A 65 0.05 26.94 -8.48
N LEU A 66 0.12 26.75 -7.16
CA LEU A 66 -0.02 25.41 -6.61
C LEU A 66 -1.39 24.83 -6.92
N GLU A 67 -2.44 25.65 -6.83
CA GLU A 67 -3.78 25.16 -7.12
C GLU A 67 -3.92 24.77 -8.59
N ALA A 68 -3.32 25.55 -9.49
CA ALA A 68 -3.31 25.21 -10.90
C ALA A 68 -2.55 23.92 -11.16
N ARG A 69 -1.45 23.71 -10.44
CA ARG A 69 -0.70 22.46 -10.59
C ARG A 69 -1.49 21.27 -10.06
N HIS A 70 -2.20 21.46 -8.94
CA HIS A 70 -3.03 20.40 -8.40
C HIS A 70 -4.12 20.01 -9.40
N ASP A 71 -4.76 21.01 -10.01
CA ASP A 71 -5.83 20.71 -10.95
C ASP A 71 -5.28 20.09 -12.23
N TYR A 72 -4.10 20.55 -12.67
CA TYR A 72 -3.42 19.89 -13.79
C TYR A 72 -3.21 18.40 -13.52
N PHE A 73 -2.70 18.06 -12.33
CA PHE A 73 -2.49 16.64 -12.04
C PHE A 73 -3.81 15.87 -12.02
N GLY A 74 -4.83 16.46 -11.40
CA GLY A 74 -6.13 15.81 -11.37
C GLY A 74 -6.68 15.52 -12.76
N ARG A 75 -6.53 16.47 -13.69
CA ARG A 75 -7.04 16.25 -15.04
C ARG A 75 -6.26 15.15 -15.74
N GLU A 76 -4.92 15.19 -15.64
CA GLU A 76 -4.09 14.16 -16.25
C GLU A 76 -4.33 12.79 -15.61
N LEU A 77 -4.54 12.75 -14.30
CA LEU A 77 -4.81 11.47 -13.64
C LEU A 77 -6.12 10.88 -14.13
N CYS A 78 -7.16 11.71 -14.26
CA CYS A 78 -8.45 11.20 -14.72
C CYS A 78 -8.41 10.79 -16.18
N ARG A 79 -7.62 11.49 -17.00
CA ARG A 79 -7.45 11.07 -18.39
C ARG A 79 -6.73 9.72 -18.46
N ALA A 80 -5.72 9.52 -17.63
CA ALA A 80 -4.95 8.28 -17.67
C ALA A 80 -5.77 7.09 -17.16
N LEU A 81 -6.68 7.31 -16.22
CA LEU A 81 -7.50 6.24 -15.68
C LEU A 81 -8.80 6.06 -16.43
N ASP A 82 -9.09 6.90 -17.43
CA ASP A 82 -10.35 6.86 -18.16
C ASP A 82 -11.54 6.99 -17.22
N ILE A 83 -11.48 7.96 -16.31
CA ILE A 83 -12.58 8.27 -15.43
C ILE A 83 -12.98 9.73 -15.65
N GLU A 84 -14.21 10.04 -15.31
CA GLU A 84 -14.70 11.40 -15.51
C GLU A 84 -13.95 12.36 -14.60
N TYR A 85 -13.56 13.51 -15.15
CA TYR A 85 -12.88 14.52 -14.36
C TYR A 85 -13.92 15.37 -13.64
N ARG A 86 -13.72 15.51 -12.34
CA ARG A 86 -14.44 16.48 -11.54
C ARG A 86 -13.40 17.13 -10.65
N ASN A 87 -13.64 18.39 -10.32
CA ASN A 87 -12.87 19.04 -9.28
C ASN A 87 -13.89 19.62 -8.30
N ASN A 88 -13.93 19.02 -7.11
CA ASN A 88 -14.81 19.39 -6.03
C ASN A 88 -16.22 18.91 -6.29
N VAL A 89 -16.66 17.99 -5.46
CA VAL A 89 -18.03 17.52 -5.44
C VAL A 89 -18.40 17.33 -3.98
N LEU A 90 -19.65 17.65 -3.66
CA LEU A 90 -20.14 17.49 -2.31
C LEU A 90 -20.49 16.04 -2.04
N LEU A 91 -20.24 15.60 -0.81
CA LEU A 91 -20.58 14.24 -0.41
C LEU A 91 -22.07 13.94 -0.63
N ASP A 92 -22.97 14.86 -0.27
CA ASP A 92 -24.39 14.55 -0.47
C ASP A 92 -24.71 14.41 -1.96
N GLU A 93 -23.97 15.11 -2.82
CA GLU A 93 -24.18 14.97 -4.26
C GLU A 93 -23.63 13.64 -4.77
N ILE A 94 -22.50 13.19 -4.23
CA ILE A 94 -22.00 11.86 -4.56
C ILE A 94 -23.04 10.82 -4.20
N ILE A 95 -23.58 10.91 -2.98
CA ILE A 95 -24.52 9.90 -2.51
C ILE A 95 -25.78 9.91 -3.37
N LEU A 96 -26.28 11.10 -3.68
CA LEU A 96 -27.44 11.17 -4.56
C LEU A 96 -27.13 10.62 -5.95
N ASP A 97 -25.88 10.77 -6.41
CA ASP A 97 -25.46 10.20 -7.70
C ASP A 97 -25.50 8.68 -7.70
N VAL A 98 -24.94 8.05 -6.67
CA VAL A 98 -24.82 6.60 -6.69
C VAL A 98 -26.07 5.91 -6.12
N TYR A 99 -26.84 6.62 -5.30
CA TYR A 99 -27.99 6.07 -4.61
C TYR A 99 -29.17 7.01 -4.81
N PRO A 100 -29.74 7.02 -6.02
CA PRO A 100 -30.69 8.09 -6.38
C PRO A 100 -31.92 8.13 -5.51
N GLY A 101 -32.33 7.01 -4.94
CA GLY A 101 -33.53 6.99 -4.13
C GLY A 101 -33.30 7.19 -2.63
N VAL A 102 -32.12 7.69 -2.25
CA VAL A 102 -31.80 7.84 -0.85
C VAL A 102 -32.62 8.99 -0.26
N ASN A 103 -32.99 8.85 0.99
CA ASN A 103 -33.49 9.95 1.81
C ASN A 103 -32.33 10.43 2.67
N LEU A 104 -31.67 11.51 2.22
CA LEU A 104 -30.45 11.94 2.91
C LEU A 104 -30.70 12.26 4.37
N MET A 105 -31.93 12.66 4.71
CA MET A 105 -32.16 13.24 6.03
C MET A 105 -31.90 12.24 7.14
N GLU A 106 -32.17 10.96 6.86
CA GLU A 106 -31.98 9.91 7.85
C GLU A 106 -30.52 9.70 8.27
N TYR A 107 -29.54 10.29 7.59
CA TYR A 107 -28.16 9.86 7.77
C TYR A 107 -27.16 10.92 8.22
N ASN A 108 -27.60 12.11 8.62
CA ASN A 108 -26.70 13.20 9.02
C ASN A 108 -25.45 13.30 8.14
N VAL A 109 -25.69 13.64 6.87
CA VAL A 109 -24.61 13.73 5.90
C VAL A 109 -23.96 15.11 6.05
N PRO A 110 -22.71 15.20 6.49
CA PRO A 110 -22.07 16.52 6.59
C PRO A 110 -21.85 17.11 5.21
N HIS A 111 -21.82 18.43 5.20
CA HIS A 111 -21.42 19.20 4.04
C HIS A 111 -19.90 19.12 3.95
N VAL A 112 -19.39 18.41 2.95
CA VAL A 112 -17.96 18.17 2.84
C VAL A 112 -17.66 17.91 1.37
N THR A 113 -16.53 18.42 0.93
CA THR A 113 -16.13 18.41 -0.47
C THR A 113 -14.94 17.48 -0.66
N ALA A 114 -14.91 16.77 -1.78
CA ALA A 114 -13.74 15.99 -2.18
C ALA A 114 -13.45 16.33 -3.64
N ASP A 115 -12.26 15.97 -4.10
CA ASP A 115 -11.91 16.32 -5.47
C ASP A 115 -12.76 15.54 -6.46
N ASN A 116 -13.02 14.27 -6.19
CA ASN A 116 -13.66 13.41 -7.19
C ASN A 116 -14.08 12.11 -6.51
N TYR A 117 -14.76 11.27 -7.27
CA TYR A 117 -15.05 9.95 -6.73
C TYR A 117 -15.10 8.99 -7.89
N ILE A 118 -15.04 7.70 -7.57
CA ILE A 118 -15.25 6.63 -8.53
C ILE A 118 -16.31 5.72 -7.94
N TRP A 119 -17.35 5.44 -8.71
CA TRP A 119 -18.39 4.48 -8.33
C TRP A 119 -18.16 3.23 -9.15
N THR A 120 -17.94 2.10 -8.46
CA THR A 120 -17.66 0.83 -9.15
C THR A 120 -18.89 -0.02 -9.39
N GLY A 121 -20.06 0.40 -8.87
CA GLY A 121 -21.27 -0.39 -8.87
C GLY A 121 -21.49 -1.15 -7.58
N ASP A 122 -20.43 -1.37 -6.81
CA ASP A 122 -20.59 -1.96 -5.50
C ASP A 122 -19.74 -1.28 -4.44
N MET A 123 -18.93 -0.28 -4.81
CA MET A 123 -18.16 0.39 -3.77
C MET A 123 -17.80 1.79 -4.24
N LEU A 124 -17.73 2.70 -3.28
CA LEU A 124 -17.46 4.10 -3.52
C LEU A 124 -16.03 4.42 -3.13
N LEU A 125 -15.27 4.99 -4.06
CA LEU A 125 -13.92 5.44 -3.80
C LEU A 125 -13.94 6.95 -3.79
N ILE A 126 -13.62 7.55 -2.65
CA ILE A 126 -13.49 9.00 -2.56
C ILE A 126 -12.07 9.38 -2.97
N LEU A 127 -11.94 10.32 -3.90
CA LEU A 127 -10.66 10.67 -4.49
C LEU A 127 -10.20 12.03 -4.00
N ASP A 128 -8.97 12.10 -3.51
CA ASP A 128 -8.31 13.38 -3.32
C ASP A 128 -7.00 13.37 -4.08
N TYR A 129 -6.79 14.37 -4.93
CA TYR A 129 -5.52 14.52 -5.63
C TYR A 129 -4.58 15.36 -4.80
N LYS A 130 -3.29 15.03 -4.84
CA LYS A 130 -2.30 15.87 -4.19
C LYS A 130 -1.07 15.96 -5.07
N VAL A 131 -0.40 17.10 -5.03
CA VAL A 131 0.89 17.26 -5.65
C VAL A 131 1.79 17.83 -4.55
N SER A 132 2.68 17.01 -4.01
CA SER A 132 3.46 17.42 -2.86
C SER A 132 4.67 16.49 -2.71
N VAL A 133 5.77 17.04 -2.18
CA VAL A 133 6.91 16.19 -1.84
C VAL A 133 6.79 15.58 -0.45
N GLY A 134 5.86 16.04 0.38
CA GLY A 134 5.69 15.52 1.72
C GLY A 134 4.45 14.66 1.90
N HIS A 135 4.35 14.06 3.09
CA HIS A 135 3.22 13.21 3.46
C HIS A 135 2.24 13.89 4.39
N ASP A 136 2.55 15.08 4.89
CA ASP A 136 1.75 15.67 5.96
C ASP A 136 0.33 16.00 5.48
N SER A 137 0.19 16.63 4.31
CA SER A 137 -1.14 17.01 3.86
C SER A 137 -1.99 15.78 3.57
N THR A 138 -1.34 14.67 3.19
CA THR A 138 -2.05 13.41 3.04
C THR A 138 -2.60 12.92 4.37
N GLU A 139 -1.80 13.01 5.43
CA GLU A 139 -2.27 12.54 6.72
C GLU A 139 -3.42 13.39 7.25
N VAL A 140 -3.39 14.71 7.01
CA VAL A 140 -4.47 15.58 7.47
C VAL A 140 -5.77 15.23 6.72
N THR A 141 -5.68 15.12 5.40
CA THR A 141 -6.85 14.85 4.57
C THR A 141 -7.42 13.48 4.85
N TYR A 142 -6.55 12.48 4.98
CA TYR A 142 -7.00 11.13 5.32
C TYR A 142 -7.78 11.12 6.64
N LYS A 143 -7.25 11.78 7.66
CA LYS A 143 -7.98 11.82 8.93
C LYS A 143 -9.32 12.49 8.76
N LYS A 144 -9.37 13.60 8.01
CA LYS A 144 -10.62 14.33 7.85
C LYS A 144 -11.68 13.48 7.16
N TYR A 145 -11.33 12.85 6.04
CA TYR A 145 -12.30 12.11 5.26
C TYR A 145 -12.71 10.82 5.96
N THR A 146 -11.76 10.12 6.59
CA THR A 146 -12.15 8.91 7.31
C THR A 146 -13.07 9.25 8.47
N THR A 147 -12.86 10.39 9.13
CA THR A 147 -13.74 10.74 10.25
C THR A 147 -15.10 11.22 9.79
N LEU A 148 -15.16 11.98 8.69
CA LEU A 148 -16.39 12.62 8.27
C LEU A 148 -17.22 11.75 7.32
N ILE A 149 -16.57 10.99 6.44
CA ILE A 149 -17.29 10.31 5.36
C ILE A 149 -17.62 8.86 5.71
N LEU A 150 -16.67 8.12 6.29
CA LEU A 150 -16.87 6.68 6.44
C LEU A 150 -18.03 6.29 7.36
N PRO A 151 -18.28 6.96 8.50
CA PRO A 151 -19.42 6.52 9.33
C PRO A 151 -20.77 6.72 8.65
N VAL A 152 -20.93 7.83 7.92
CA VAL A 152 -22.14 8.06 7.14
C VAL A 152 -22.35 6.94 6.14
N MET A 153 -21.29 6.58 5.40
CA MET A 153 -21.46 5.57 4.38
C MET A 153 -21.72 4.21 5.00
N GLN A 154 -21.12 3.94 6.17
CA GLN A 154 -21.39 2.71 6.91
C GLN A 154 -22.87 2.62 7.31
N GLU A 155 -23.45 3.73 7.80
CA GLU A 155 -24.88 3.75 8.09
C GLU A 155 -25.71 3.53 6.83
N ILE A 156 -25.28 4.13 5.72
CA ILE A 156 -26.02 3.93 4.48
C ILE A 156 -25.89 2.47 4.02
N GLY A 157 -24.75 1.84 4.26
CA GLY A 157 -24.52 0.48 3.84
C GLY A 157 -23.82 0.34 2.51
N ILE A 158 -23.02 1.33 2.12
CA ILE A 158 -22.35 1.34 0.84
C ILE A 158 -20.85 1.29 1.12
N ASN A 159 -20.20 0.24 0.64
CA ASN A 159 -18.77 0.06 0.91
C ASN A 159 -18.00 1.27 0.36
N THR A 160 -17.19 1.90 1.20
CA THR A 160 -16.51 3.13 0.80
C THR A 160 -15.05 3.12 1.22
N GLU A 161 -14.19 3.66 0.38
CA GLU A 161 -12.77 3.80 0.67
C GLU A 161 -12.32 5.23 0.42
N ILE A 162 -11.45 5.74 1.29
CA ILE A 162 -10.80 7.04 1.09
C ILE A 162 -9.49 6.80 0.35
N CYS A 163 -9.33 7.44 -0.80
CA CYS A 163 -8.18 7.29 -1.68
C CYS A 163 -7.48 8.62 -1.85
N ILE A 164 -6.18 8.65 -1.62
CA ILE A 164 -5.40 9.84 -1.87
C ILE A 164 -4.31 9.46 -2.86
N ILE A 165 -4.30 10.14 -3.99
CA ILE A 165 -3.31 9.91 -5.02
C ILE A 165 -2.43 11.14 -5.06
N ARG A 166 -1.14 10.96 -4.80
CA ARG A 166 -0.20 12.06 -4.67
C ARG A 166 0.90 11.92 -5.72
N ALA A 167 1.10 12.98 -6.48
CA ALA A 167 2.23 13.12 -7.39
C ALA A 167 3.33 13.89 -6.68
N ASN A 168 4.53 13.31 -6.64
CA ASN A 168 5.71 14.08 -6.24
C ASN A 168 6.14 14.94 -7.41
N PRO A 169 6.13 16.27 -7.30
CA PRO A 169 6.43 17.10 -8.49
C PRO A 169 7.90 17.11 -8.85
N VAL A 170 8.77 16.73 -7.93
CA VAL A 170 10.21 16.71 -8.19
C VAL A 170 10.61 15.44 -8.93
N THR A 171 10.06 14.30 -8.52
CA THR A 171 10.45 13.01 -9.08
C THR A 171 9.44 12.43 -10.05
N ASN A 172 8.23 12.99 -10.13
CA ASN A 172 7.11 12.46 -10.92
C ASN A 172 6.59 11.13 -10.41
N GLN A 173 6.99 10.67 -9.21
CA GLN A 173 6.44 9.43 -8.68
C GLN A 173 5.03 9.62 -8.13
N ILE A 174 4.16 8.63 -8.38
CA ILE A 174 2.79 8.60 -7.85
C ILE A 174 2.76 7.70 -6.63
N SER A 175 2.14 8.17 -5.54
CA SER A 175 1.89 7.40 -4.34
C SER A 175 0.38 7.28 -4.16
N ILE A 176 -0.11 6.10 -3.75
CA ILE A 176 -1.54 5.89 -3.53
C ILE A 176 -1.81 5.43 -2.10
N VAL A 177 -2.75 6.08 -1.44
CA VAL A 177 -3.40 5.54 -0.26
C VAL A 177 -4.76 5.03 -0.72
N GLY A 178 -5.05 3.75 -0.44
CA GLY A 178 -6.32 3.19 -0.85
C GLY A 178 -6.17 1.84 -1.50
N GLU A 179 -6.45 0.78 -0.74
CA GLU A 179 -6.15 -0.57 -1.19
C GLU A 179 -6.98 -0.97 -2.41
N GLN A 180 -8.30 -0.70 -2.37
CA GLN A 180 -9.14 -1.10 -3.50
C GLN A 180 -8.80 -0.28 -4.74
N PHE A 181 -8.38 0.97 -4.56
CA PHE A 181 -7.90 1.76 -5.69
C PHE A 181 -6.69 1.11 -6.34
N LYS A 182 -5.71 0.68 -5.52
CA LYS A 182 -4.52 0.05 -6.08
C LYS A 182 -4.86 -1.26 -6.78
N ARG A 183 -5.88 -1.96 -6.28
CA ARG A 183 -6.36 -3.16 -6.96
C ARG A 183 -6.91 -2.83 -8.33
N LEU A 184 -7.83 -1.86 -8.39
CA LEU A 184 -8.46 -1.52 -9.65
C LEU A 184 -7.50 -0.88 -10.63
N PHE A 185 -6.50 -0.16 -10.13
CA PHE A 185 -5.61 0.63 -10.98
C PHE A 185 -4.16 0.31 -10.63
N PRO A 186 -3.71 -0.91 -10.95
CA PRO A 186 -2.33 -1.28 -10.60
C PRO A 186 -1.28 -0.46 -11.32
N THR A 187 -1.61 0.11 -12.48
CA THR A 187 -0.68 0.96 -13.21
C THR A 187 -1.38 2.24 -13.63
N ILE A 188 -0.71 3.36 -13.47
CA ILE A 188 -1.28 4.66 -13.75
C ILE A 188 -0.47 5.32 -14.85
N PRO A 189 -0.89 5.19 -16.11
CA PRO A 189 -0.11 5.71 -17.25
C PRO A 189 -0.24 7.22 -17.41
N VAL A 190 0.11 7.96 -16.34
CA VAL A 190 0.19 9.41 -16.40
C VAL A 190 1.55 9.82 -16.97
N GLU A 191 1.53 10.78 -17.88
CA GLU A 191 2.72 11.48 -18.32
C GLU A 191 2.60 12.90 -17.80
N LEU A 192 3.46 13.26 -16.88
CA LEU A 192 3.36 14.51 -16.16
C LEU A 192 4.58 15.37 -16.47
N ASN A 193 4.36 16.67 -16.63
CA ASN A 193 5.45 17.62 -16.70
C ASN A 193 5.10 18.82 -15.84
N PHE A 194 5.75 18.96 -14.70
CA PHE A 194 5.50 20.09 -13.81
C PHE A 194 6.40 21.30 -14.09
N ALA A 195 7.17 21.27 -15.18
CA ALA A 195 8.21 22.28 -15.42
C ALA A 195 7.62 23.70 -15.48
N ARG A 196 6.46 23.89 -16.11
CA ARG A 196 5.89 25.24 -16.19
C ARG A 196 5.57 25.80 -14.82
N PHE A 197 5.15 24.94 -13.89
CA PHE A 197 4.82 25.43 -12.56
C PHE A 197 6.08 25.76 -11.78
N PHE A 198 7.12 24.96 -11.92
CA PHE A 198 8.40 25.28 -11.31
C PHE A 198 8.97 26.59 -11.86
N GLU A 199 8.83 26.82 -13.16
CA GLU A 199 9.36 28.05 -13.76
C GLU A 199 8.66 29.28 -13.20
N LEU A 200 7.33 29.23 -13.08
CA LEU A 200 6.61 30.39 -12.57
C LEU A 200 6.94 30.65 -11.09
N ARG A 201 7.08 29.58 -10.31
CA ARG A 201 7.39 29.75 -8.88
C ARG A 201 8.80 30.28 -8.71
N LYS A 202 9.73 29.80 -9.54
CA LYS A 202 11.11 30.28 -9.51
C LYS A 202 11.18 31.75 -9.88
N MET A 203 10.48 32.13 -10.94
CA MET A 203 10.37 33.53 -11.35
C MET A 203 9.88 34.39 -10.20
N LEU A 204 8.77 33.99 -9.57
CA LEU A 204 8.25 34.71 -8.42
C LEU A 204 9.25 34.75 -7.28
N LEU A 205 9.98 33.65 -7.06
CA LEU A 205 10.97 33.62 -5.99
C LEU A 205 12.21 34.42 -6.36
N ASP A 206 12.54 34.49 -7.65
CA ASP A 206 13.67 35.31 -8.09
C ASP A 206 13.43 36.80 -7.88
N LYS A 207 12.24 37.18 -7.41
CA LYS A 207 11.90 38.53 -7.01
C LYS A 207 11.97 38.69 -5.48
N PHE A 208 13.12 38.32 -4.91
CA PHE A 208 13.34 38.47 -3.48
C PHE A 208 14.82 38.24 -3.14
N MET B 37 15.39 7.48 -2.54
CA MET B 37 14.04 7.12 -2.97
C MET B 37 12.96 7.82 -2.15
N GLU B 38 11.77 7.94 -2.74
CA GLU B 38 10.58 8.34 -1.98
C GLU B 38 10.07 7.15 -1.16
N ASP B 39 10.99 6.37 -0.63
CA ASP B 39 10.68 5.19 0.17
C ASP B 39 11.32 5.30 1.53
N PRO B 40 10.54 5.59 2.59
CA PRO B 40 11.15 5.67 3.92
C PRO B 40 11.72 4.35 4.39
N MET B 41 11.19 3.22 3.91
CA MET B 41 11.79 1.94 4.27
C MET B 41 13.18 1.81 3.66
N TYR B 42 13.33 2.18 2.39
CA TYR B 42 14.63 2.12 1.75
C TYR B 42 15.58 3.11 2.39
N GLU B 43 15.11 4.31 2.70
CA GLU B 43 16.02 5.29 3.27
C GLU B 43 16.44 4.91 4.69
N GLN B 44 15.54 4.29 5.47
CA GLN B 44 15.96 3.84 6.78
C GLN B 44 16.98 2.70 6.70
N PHE B 45 16.84 1.78 5.75
CA PHE B 45 17.86 0.75 5.59
C PHE B 45 19.17 1.34 5.11
N LEU B 46 19.11 2.23 4.10
CA LEU B 46 20.33 2.87 3.59
C LEU B 46 21.11 3.53 4.72
N GLN B 47 20.42 4.23 5.61
CA GLN B 47 21.10 4.86 6.75
C GLN B 47 21.75 3.83 7.66
N ARG B 48 21.08 2.71 7.91
CA ARG B 48 21.68 1.68 8.77
C ARG B 48 22.91 1.06 8.12
N ILE B 49 22.87 0.84 6.79
CA ILE B 49 24.01 0.26 6.08
C ILE B 49 25.17 1.24 6.04
N GLN B 50 24.87 2.52 5.75
CA GLN B 50 25.90 3.55 5.75
C GLN B 50 26.67 3.56 7.06
N ALA B 51 25.96 3.38 8.17
CA ALA B 51 26.49 3.52 9.52
C ALA B 51 27.10 2.26 10.11
N VAL B 52 26.70 1.07 9.67
CA VAL B 52 27.06 -0.14 10.40
C VAL B 52 28.56 -0.37 10.28
N ARG B 53 29.15 -0.83 11.38
CA ARG B 53 30.59 -1.08 11.48
C ARG B 53 30.96 -2.54 11.76
N THR B 54 30.07 -3.33 12.37
CA THR B 54 30.38 -4.65 12.89
C THR B 54 29.52 -5.76 12.26
N ALA B 55 30.01 -7.00 12.33
CA ALA B 55 29.32 -8.12 11.68
C ALA B 55 27.96 -8.40 12.31
N THR B 56 27.86 -8.30 13.64
CA THR B 56 26.62 -8.69 14.31
C THR B 56 25.50 -7.73 13.99
N VAL B 57 25.80 -6.43 13.97
CA VAL B 57 24.79 -5.45 13.56
C VAL B 57 24.45 -5.61 12.08
N ALA B 58 25.47 -5.87 11.25
CA ALA B 58 25.24 -6.09 9.82
C ALA B 58 24.35 -7.31 9.59
N LYS B 59 24.54 -8.36 10.38
CA LYS B 59 23.71 -9.55 10.26
C LYS B 59 22.23 -9.22 10.51
N ASP B 60 21.95 -8.40 11.53
CA ASP B 60 20.59 -7.96 11.82
C ASP B 60 19.99 -7.11 10.69
N ILE B 61 20.81 -6.26 10.06
CA ILE B 61 20.28 -5.52 8.90
C ILE B 61 19.89 -6.50 7.81
N SER B 62 20.78 -7.45 7.51
CA SER B 62 20.49 -8.46 6.49
C SER B 62 19.16 -9.14 6.74
N ALA B 63 18.96 -9.61 7.99
CA ALA B 63 17.73 -10.32 8.33
C ALA B 63 16.50 -9.42 8.20
N ASP B 64 16.65 -8.14 8.57
CA ASP B 64 15.55 -7.18 8.48
C ASP B 64 15.17 -6.88 7.04
N ILE B 65 16.17 -6.80 6.15
CA ILE B 65 15.86 -6.60 4.73
C ILE B 65 15.13 -7.82 4.17
N LEU B 66 15.57 -9.02 4.53
CA LEU B 66 14.88 -10.20 4.01
C LEU B 66 13.46 -10.27 4.54
N GLU B 67 13.25 -9.82 5.77
CA GLU B 67 11.90 -9.80 6.33
C GLU B 67 11.05 -8.74 5.65
N ALA B 68 11.63 -7.58 5.35
CA ALA B 68 10.85 -6.54 4.67
C ALA B 68 10.48 -6.98 3.26
N ARG B 69 11.37 -7.72 2.59
CA ARG B 69 11.04 -8.23 1.27
C ARG B 69 9.90 -9.25 1.33
N HIS B 70 9.93 -10.10 2.35
CA HIS B 70 8.84 -11.05 2.61
C HIS B 70 7.53 -10.32 2.85
N ASP B 71 7.55 -9.30 3.71
CA ASP B 71 6.35 -8.54 4.02
C ASP B 71 5.82 -7.79 2.82
N TYR B 72 6.71 -7.21 2.00
CA TYR B 72 6.29 -6.58 0.74
C TYR B 72 5.54 -7.58 -0.14
N PHE B 73 6.10 -8.79 -0.34
CA PHE B 73 5.40 -9.79 -1.14
C PHE B 73 4.05 -10.13 -0.54
N GLY B 74 3.97 -10.28 0.78
CA GLY B 74 2.69 -10.62 1.39
C GLY B 74 1.63 -9.55 1.16
N ARG B 75 2.01 -8.28 1.28
CA ARG B 75 1.07 -7.20 1.01
C ARG B 75 0.58 -7.25 -0.43
N GLU B 76 1.49 -7.45 -1.39
CA GLU B 76 1.10 -7.51 -2.79
C GLU B 76 0.23 -8.73 -3.07
N LEU B 77 0.59 -9.88 -2.49
CA LEU B 77 -0.17 -11.10 -2.72
C LEU B 77 -1.59 -10.96 -2.19
N CYS B 78 -1.74 -10.46 -0.96
CA CYS B 78 -3.06 -10.39 -0.35
C CYS B 78 -3.96 -9.43 -1.14
N ARG B 79 -3.41 -8.32 -1.61
CA ARG B 79 -4.17 -7.40 -2.45
C ARG B 79 -4.62 -8.07 -3.73
N ALA B 80 -3.71 -8.79 -4.41
CA ALA B 80 -4.09 -9.46 -5.65
C ALA B 80 -5.16 -10.52 -5.43
N LEU B 81 -5.05 -11.27 -4.34
CA LEU B 81 -5.99 -12.31 -3.97
C LEU B 81 -7.29 -11.76 -3.42
N ASP B 82 -7.32 -10.47 -3.04
CA ASP B 82 -8.47 -9.85 -2.40
C ASP B 82 -8.83 -10.58 -1.12
N ILE B 83 -7.82 -10.87 -0.31
CA ILE B 83 -8.04 -11.46 1.00
C ILE B 83 -7.50 -10.48 2.04
N GLU B 84 -8.10 -10.53 3.23
CA GLU B 84 -7.65 -9.69 4.33
C GLU B 84 -6.16 -9.90 4.55
N TYR B 85 -5.43 -8.78 4.67
CA TYR B 85 -3.99 -8.86 4.84
C TYR B 85 -3.64 -9.21 6.28
N ARG B 86 -2.76 -10.20 6.45
CA ARG B 86 -2.23 -10.54 7.75
C ARG B 86 -0.79 -11.00 7.57
N ASN B 87 -0.09 -11.12 8.68
CA ASN B 87 1.33 -11.40 8.67
C ASN B 87 1.71 -11.91 10.06
N ASN B 88 2.54 -12.95 10.13
CA ASN B 88 3.11 -13.37 11.41
C ASN B 88 2.04 -13.59 12.48
N VAL B 89 1.05 -14.44 12.19
CA VAL B 89 -0.06 -14.68 13.11
C VAL B 89 0.21 -15.94 13.93
N LEU B 90 0.11 -15.81 15.26
CA LEU B 90 0.23 -16.97 16.15
C LEU B 90 -0.90 -17.97 15.92
N LEU B 91 -0.54 -19.25 15.95
CA LEU B 91 -1.53 -20.32 15.80
C LEU B 91 -2.69 -20.18 16.78
N ASP B 92 -2.40 -19.87 18.05
CA ASP B 92 -3.46 -19.65 19.02
C ASP B 92 -4.49 -18.65 18.51
N GLU B 93 -4.01 -17.58 17.86
CA GLU B 93 -4.90 -16.53 17.38
C GLU B 93 -5.72 -17.00 16.20
N ILE B 94 -5.12 -17.80 15.31
CA ILE B 94 -5.89 -18.36 14.20
C ILE B 94 -7.02 -19.21 14.72
N ILE B 95 -6.73 -20.08 15.70
CA ILE B 95 -7.74 -21.02 16.20
C ILE B 95 -8.91 -20.26 16.81
N LEU B 96 -8.61 -19.29 17.67
CA LEU B 96 -9.66 -18.50 18.31
C LEU B 96 -10.52 -17.76 17.29
N ASP B 97 -9.91 -17.27 16.21
CA ASP B 97 -10.68 -16.57 15.18
C ASP B 97 -11.59 -17.53 14.43
N VAL B 98 -11.11 -18.74 14.14
CA VAL B 98 -11.93 -19.69 13.41
C VAL B 98 -12.84 -20.47 14.35
N TYR B 99 -12.39 -20.69 15.59
CA TYR B 99 -13.07 -21.55 16.57
C TYR B 99 -13.25 -20.74 17.85
N PRO B 100 -14.21 -19.79 17.86
CA PRO B 100 -14.29 -18.88 19.00
C PRO B 100 -14.69 -19.56 20.31
N GLY B 101 -15.40 -20.70 20.24
CA GLY B 101 -15.76 -21.41 21.44
C GLY B 101 -14.65 -22.24 22.08
N VAL B 102 -13.52 -22.41 21.40
CA VAL B 102 -12.48 -23.32 21.85
C VAL B 102 -12.00 -22.94 23.25
N ASN B 103 -11.62 -23.94 24.05
CA ASN B 103 -10.87 -23.69 25.27
C ASN B 103 -9.45 -24.18 24.99
N LEU B 104 -8.57 -23.24 24.63
CA LEU B 104 -7.22 -23.61 24.25
C LEU B 104 -6.44 -24.24 25.39
N MET B 105 -6.89 -24.08 26.63
CA MET B 105 -6.19 -24.70 27.74
C MET B 105 -6.20 -26.22 27.63
N GLU B 106 -7.21 -26.78 26.95
CA GLU B 106 -7.32 -28.23 26.75
C GLU B 106 -6.34 -28.77 25.72
N TYR B 107 -5.60 -27.91 25.02
CA TYR B 107 -4.73 -28.36 23.95
C TYR B 107 -3.32 -27.81 24.11
N ASN B 108 -2.36 -28.54 23.57
CA ASN B 108 -0.97 -28.11 23.49
C ASN B 108 -0.81 -27.38 22.15
N VAL B 109 -0.98 -26.06 22.19
CA VAL B 109 -0.88 -25.24 20.97
C VAL B 109 0.50 -24.59 20.92
N PRO B 110 1.44 -25.10 20.12
CA PRO B 110 2.77 -24.51 20.12
C PRO B 110 2.77 -23.07 19.62
N HIS B 111 3.79 -22.33 20.03
CA HIS B 111 3.94 -20.91 19.73
C HIS B 111 4.59 -20.77 18.35
N VAL B 112 3.79 -21.11 17.33
CA VAL B 112 4.24 -21.15 15.94
C VAL B 112 3.37 -20.19 15.15
N THR B 113 3.94 -19.61 14.09
CA THR B 113 3.23 -18.63 13.28
C THR B 113 2.92 -19.15 11.89
N ALA B 114 1.85 -18.60 11.34
CA ALA B 114 1.59 -18.58 9.92
C ALA B 114 1.41 -17.13 9.52
N ASP B 115 1.59 -16.85 8.23
CA ASP B 115 1.39 -15.49 7.76
C ASP B 115 -0.08 -15.12 7.61
N ASN B 116 -0.94 -16.07 7.30
CA ASN B 116 -2.33 -15.77 6.99
C ASN B 116 -3.08 -17.08 7.00
N TYR B 117 -4.38 -16.99 6.80
CA TYR B 117 -5.24 -18.16 6.74
C TYR B 117 -6.52 -17.76 6.03
N ILE B 118 -7.14 -18.75 5.40
CA ILE B 118 -8.41 -18.58 4.72
C ILE B 118 -9.33 -19.69 5.21
N TRP B 119 -10.43 -19.32 5.84
CA TRP B 119 -11.45 -20.26 6.31
C TRP B 119 -12.52 -20.36 5.23
N THR B 120 -12.58 -21.49 4.53
CA THR B 120 -13.44 -21.61 3.35
C THR B 120 -14.88 -21.97 3.72
N GLY B 121 -15.06 -22.78 4.76
CA GLY B 121 -16.37 -23.26 5.16
C GLY B 121 -16.23 -24.59 5.87
N ASP B 122 -15.28 -25.41 5.41
CA ASP B 122 -14.94 -26.65 6.08
C ASP B 122 -13.46 -26.94 6.08
N MET B 123 -12.63 -26.07 5.50
CA MET B 123 -11.20 -26.29 5.36
C MET B 123 -10.51 -24.99 5.70
N LEU B 124 -9.55 -25.02 6.62
CA LEU B 124 -8.78 -23.84 6.97
C LEU B 124 -7.46 -23.91 6.21
N LEU B 125 -7.27 -22.98 5.28
CA LEU B 125 -6.02 -22.87 4.54
C LEU B 125 -5.05 -22.03 5.34
N ILE B 126 -3.92 -22.62 5.72
CA ILE B 126 -2.87 -21.93 6.46
C ILE B 126 -1.85 -21.43 5.46
N LEU B 127 -1.72 -20.12 5.35
CA LEU B 127 -0.93 -19.49 4.30
C LEU B 127 0.41 -19.04 4.86
N ASP B 128 1.49 -19.35 4.12
CA ASP B 128 2.81 -18.80 4.42
C ASP B 128 3.42 -18.20 3.15
N TYR B 129 3.86 -16.95 3.24
CA TYR B 129 4.54 -16.27 2.14
C TYR B 129 6.01 -16.58 2.21
N LYS B 130 6.64 -16.76 1.05
CA LYS B 130 8.07 -16.94 0.99
C LYS B 130 8.60 -16.12 -0.17
N VAL B 131 9.81 -15.61 -0.02
CA VAL B 131 10.52 -15.02 -1.14
C VAL B 131 11.89 -15.66 -1.15
N SER B 132 12.14 -16.47 -2.18
CA SER B 132 13.39 -17.19 -2.23
C SER B 132 13.61 -17.70 -3.65
N VAL B 133 14.87 -17.70 -4.08
CA VAL B 133 15.20 -18.38 -5.33
C VAL B 133 15.24 -19.90 -5.16
N GLY B 134 15.23 -20.41 -3.93
CA GLY B 134 15.30 -21.85 -3.70
C GLY B 134 14.19 -22.41 -2.83
N HIS B 135 14.28 -23.70 -2.48
CA HIS B 135 13.22 -24.43 -1.80
C HIS B 135 13.46 -24.64 -0.31
N ASP B 136 14.64 -24.28 0.21
CA ASP B 136 15.00 -24.62 1.58
C ASP B 136 14.02 -24.06 2.59
N SER B 137 13.67 -22.77 2.47
CA SER B 137 12.73 -22.20 3.42
C SER B 137 11.35 -22.86 3.32
N THR B 138 10.92 -23.27 2.11
CA THR B 138 9.63 -23.93 1.94
C THR B 138 9.61 -25.29 2.63
N GLU B 139 10.74 -26.02 2.56
CA GLU B 139 10.87 -27.30 3.25
C GLU B 139 10.87 -27.13 4.77
N VAL B 140 11.56 -26.12 5.28
CA VAL B 140 11.57 -25.86 6.72
C VAL B 140 10.17 -25.52 7.21
N THR B 141 9.47 -24.69 6.45
CA THR B 141 8.13 -24.30 6.86
C THR B 141 7.16 -25.47 6.73
N TYR B 142 7.32 -26.29 5.70
CA TYR B 142 6.38 -27.39 5.48
C TYR B 142 6.46 -28.41 6.60
N LYS B 143 7.67 -28.82 6.96
CA LYS B 143 7.75 -29.89 7.94
C LYS B 143 7.51 -29.35 9.34
N LYS B 144 7.75 -28.07 9.56
CA LYS B 144 7.28 -27.40 10.76
C LYS B 144 5.76 -27.39 10.85
N TYR B 145 5.06 -27.09 9.75
CA TYR B 145 3.60 -27.19 9.76
C TYR B 145 3.17 -28.61 10.13
N THR B 146 3.83 -29.63 9.56
CA THR B 146 3.35 -30.99 9.78
C THR B 146 3.61 -31.46 11.20
N THR B 147 4.73 -31.07 11.78
CA THR B 147 5.06 -31.54 13.12
C THR B 147 4.52 -30.65 14.23
N LEU B 148 4.22 -29.37 13.94
CA LEU B 148 3.80 -28.46 15.00
C LEU B 148 2.38 -27.90 14.83
N ILE B 149 1.84 -27.85 13.63
CA ILE B 149 0.51 -27.31 13.43
C ILE B 149 -0.51 -28.43 13.23
N LEU B 150 -0.22 -29.35 12.31
CA LEU B 150 -1.19 -30.40 11.96
C LEU B 150 -1.73 -31.19 13.16
N PRO B 151 -0.91 -31.73 14.07
CA PRO B 151 -1.45 -32.57 15.15
C PRO B 151 -2.51 -31.87 16.00
N VAL B 152 -2.22 -30.68 16.51
CA VAL B 152 -3.20 -30.01 17.38
C VAL B 152 -4.46 -29.66 16.61
N MET B 153 -4.34 -29.27 15.32
CA MET B 153 -5.53 -28.91 14.56
C MET B 153 -6.42 -30.13 14.34
N GLN B 154 -5.81 -31.28 14.02
CA GLN B 154 -6.54 -32.54 14.00
C GLN B 154 -7.18 -32.80 15.37
N GLU B 155 -6.36 -32.71 16.43
CA GLU B 155 -6.87 -32.89 17.79
C GLU B 155 -8.07 -31.98 18.04
N ILE B 156 -7.94 -30.70 17.69
CA ILE B 156 -9.02 -29.75 17.94
C ILE B 156 -10.21 -30.03 17.04
N GLY B 157 -9.96 -30.55 15.85
CA GLY B 157 -11.02 -30.86 14.91
C GLY B 157 -11.14 -29.92 13.72
N ILE B 158 -10.08 -29.19 13.37
CA ILE B 158 -10.10 -28.24 12.26
C ILE B 158 -9.30 -28.83 11.11
N ASN B 159 -9.96 -29.10 10.00
CA ASN B 159 -9.27 -29.63 8.83
C ASN B 159 -8.45 -28.51 8.20
N THR B 160 -7.18 -28.79 7.94
CA THR B 160 -6.26 -27.77 7.47
C THR B 160 -5.49 -28.24 6.24
N GLU B 161 -5.07 -27.26 5.45
CA GLU B 161 -4.07 -27.48 4.42
C GLU B 161 -2.99 -26.43 4.60
N ILE B 162 -1.73 -26.83 4.44
CA ILE B 162 -0.62 -25.89 4.45
C ILE B 162 -0.44 -25.39 3.03
N CYS B 163 -0.37 -24.07 2.89
CA CYS B 163 -0.30 -23.38 1.61
C CYS B 163 0.92 -22.50 1.67
N ILE B 164 1.93 -22.80 0.86
CA ILE B 164 3.14 -21.99 0.83
C ILE B 164 3.22 -21.39 -0.56
N ILE B 165 3.17 -20.06 -0.61
CA ILE B 165 3.23 -19.31 -1.85
C ILE B 165 4.59 -18.63 -1.88
N ARG B 166 5.42 -18.99 -2.85
CA ARG B 166 6.78 -18.46 -2.94
C ARG B 166 6.90 -17.55 -4.15
N ALA B 167 7.48 -16.38 -3.96
CA ALA B 167 7.94 -15.57 -5.09
C ALA B 167 9.43 -15.75 -5.25
N ASN B 168 9.86 -16.03 -6.48
CA ASN B 168 11.28 -15.95 -6.78
C ASN B 168 11.67 -14.50 -6.97
N PRO B 169 12.57 -13.93 -6.15
CA PRO B 169 12.83 -12.49 -6.24
C PRO B 169 13.59 -12.09 -7.50
N VAL B 170 14.29 -13.03 -8.13
CA VAL B 170 15.01 -12.72 -9.37
C VAL B 170 14.05 -12.68 -10.55
N THR B 171 13.18 -13.68 -10.65
CA THR B 171 12.34 -13.85 -11.85
C THR B 171 10.92 -13.38 -11.67
N ASN B 172 10.48 -13.14 -10.44
CA ASN B 172 9.13 -12.75 -10.09
C ASN B 172 8.10 -13.87 -10.25
N GLN B 173 8.52 -15.08 -10.57
CA GLN B 173 7.54 -16.11 -10.76
C GLN B 173 7.07 -16.65 -9.41
N ILE B 174 5.83 -17.13 -9.39
CA ILE B 174 5.15 -17.57 -8.18
C ILE B 174 4.99 -19.08 -8.25
N SER B 175 5.29 -19.77 -7.15
CA SER B 175 5.05 -21.20 -7.06
C SER B 175 4.15 -21.43 -5.85
N ILE B 176 3.23 -22.39 -5.96
CA ILE B 176 2.25 -22.68 -4.91
C ILE B 176 2.39 -24.11 -4.46
N VAL B 177 2.50 -24.31 -3.15
CA VAL B 177 2.31 -25.60 -2.48
C VAL B 177 0.97 -25.51 -1.79
N GLY B 178 0.07 -26.46 -2.07
CA GLY B 178 -1.28 -26.33 -1.54
C GLY B 178 -2.33 -26.56 -2.62
N GLU B 179 -2.95 -27.74 -2.60
CA GLU B 179 -3.84 -28.13 -3.70
C GLU B 179 -5.16 -27.36 -3.67
N GLN B 180 -5.78 -27.26 -2.49
CA GLN B 180 -7.02 -26.49 -2.37
C GLN B 180 -6.78 -25.01 -2.72
N PHE B 181 -5.63 -24.47 -2.31
CA PHE B 181 -5.31 -23.08 -2.62
C PHE B 181 -5.22 -22.87 -4.13
N LYS B 182 -4.58 -23.80 -4.84
CA LYS B 182 -4.44 -23.70 -6.29
C LYS B 182 -5.79 -23.66 -6.99
N ARG B 183 -6.76 -24.42 -6.47
CA ARG B 183 -8.08 -24.46 -7.05
C ARG B 183 -8.87 -23.19 -6.74
N LEU B 184 -8.70 -22.64 -5.54
CA LEU B 184 -9.30 -21.34 -5.22
C LEU B 184 -8.68 -20.21 -6.05
N PHE B 185 -7.36 -20.24 -6.24
CA PHE B 185 -6.66 -19.18 -6.97
C PHE B 185 -5.77 -19.80 -8.04
N PRO B 186 -6.36 -20.16 -9.20
CA PRO B 186 -5.53 -20.74 -10.27
C PRO B 186 -4.48 -19.79 -10.78
N THR B 187 -4.77 -18.50 -10.82
CA THR B 187 -3.82 -17.46 -11.19
C THR B 187 -3.52 -16.59 -9.97
N ILE B 188 -2.35 -15.95 -9.98
CA ILE B 188 -2.04 -14.95 -8.97
C ILE B 188 -1.50 -13.70 -9.68
N PRO B 189 -2.35 -12.72 -9.99
CA PRO B 189 -1.95 -11.52 -10.77
C PRO B 189 -1.29 -10.44 -9.92
N VAL B 190 -0.05 -10.69 -9.49
CA VAL B 190 0.74 -9.69 -8.78
C VAL B 190 1.72 -9.07 -9.76
N GLU B 191 2.11 -7.83 -9.48
CA GLU B 191 3.17 -7.15 -10.23
C GLU B 191 4.30 -6.86 -9.24
N LEU B 192 5.37 -7.63 -9.31
CA LEU B 192 6.43 -7.59 -8.31
C LEU B 192 7.67 -6.90 -8.85
N ASN B 193 8.39 -6.25 -7.95
CA ASN B 193 9.70 -5.66 -8.26
C ASN B 193 10.49 -5.64 -6.97
N PHE B 194 11.48 -6.52 -6.87
CA PHE B 194 12.32 -6.64 -5.68
C PHE B 194 13.64 -5.86 -5.77
N ALA B 195 13.79 -5.00 -6.78
CA ALA B 195 15.05 -4.29 -7.01
C ALA B 195 15.56 -3.56 -5.78
N ARG B 196 14.69 -2.85 -5.07
CA ARG B 196 15.15 -2.08 -3.91
C ARG B 196 15.75 -3.00 -2.85
N PHE B 197 15.17 -4.18 -2.66
CA PHE B 197 15.70 -5.10 -1.66
C PHE B 197 17.04 -5.67 -2.10
N PHE B 198 17.17 -5.99 -3.40
CA PHE B 198 18.45 -6.46 -3.91
C PHE B 198 19.52 -5.39 -3.77
N GLU B 199 19.17 -4.14 -4.10
CA GLU B 199 20.17 -3.07 -4.07
C GLU B 199 20.66 -2.82 -2.66
N LEU B 200 19.74 -2.83 -1.68
CA LEU B 200 20.11 -2.64 -0.28
C LEU B 200 20.99 -3.78 0.22
N ARG B 201 20.62 -5.03 -0.09
CA ARG B 201 21.38 -6.14 0.44
C ARG B 201 22.77 -6.25 -0.20
N LYS B 202 22.86 -5.95 -1.51
CA LYS B 202 24.16 -5.99 -2.19
C LYS B 202 25.13 -4.95 -1.62
N MET B 203 24.61 -3.77 -1.28
CA MET B 203 25.42 -2.75 -0.61
C MET B 203 25.97 -3.26 0.71
N LEU B 204 25.11 -3.88 1.51
CA LEU B 204 25.53 -4.41 2.80
C LEU B 204 26.55 -5.54 2.63
N LEU B 205 26.33 -6.43 1.67
CA LEU B 205 27.28 -7.54 1.49
C LEU B 205 28.58 -7.08 0.86
N ASP B 206 28.53 -6.09 -0.04
CA ASP B 206 29.76 -5.47 -0.53
C ASP B 206 30.54 -4.80 0.58
N LYS B 207 29.86 -4.07 1.47
CA LYS B 207 30.56 -3.41 2.57
C LYS B 207 31.28 -4.41 3.50
N PHE B 208 30.74 -5.63 3.64
CA PHE B 208 31.29 -6.66 4.51
C PHE B 208 31.86 -7.84 3.73
N ALA B 209 32.32 -7.59 2.50
CA ALA B 209 32.80 -8.68 1.64
C ALA B 209 34.06 -9.34 2.17
N ASP B 210 34.84 -8.63 2.99
CA ASP B 210 36.08 -9.12 3.56
C ASP B 210 35.92 -9.65 4.98
N ASP B 211 34.68 -9.64 5.51
CA ASP B 211 34.43 -9.90 6.93
C ASP B 211 33.99 -11.34 7.07
N GLU B 212 34.93 -12.24 7.43
CA GLU B 212 34.62 -13.65 7.51
C GLU B 212 33.53 -13.95 8.54
N GLU B 213 33.53 -13.23 9.66
CA GLU B 213 32.53 -13.49 10.69
C GLU B 213 31.13 -13.17 10.16
N PHE B 214 30.98 -12.03 9.49
CA PHE B 214 29.70 -11.71 8.87
C PHE B 214 29.31 -12.77 7.83
N LEU B 215 30.25 -13.17 6.97
CA LEU B 215 29.92 -14.14 5.93
C LEU B 215 29.46 -15.46 6.53
N MET B 216 30.05 -15.87 7.66
CA MET B 216 29.57 -17.08 8.32
C MET B 216 28.17 -16.92 8.91
N MET B 217 27.83 -15.71 9.39
CA MET B 217 26.51 -15.47 9.97
C MET B 217 25.40 -15.55 8.92
N ILE B 218 25.68 -15.13 7.68
CA ILE B 218 24.63 -15.09 6.67
C ILE B 218 24.63 -16.31 5.78
N ALA B 219 25.58 -17.23 5.98
CA ALA B 219 25.74 -18.40 5.12
C ALA B 219 24.54 -19.34 5.17
MN MN C . -6.79 17.54 -3.64
CL CL D . -2.05 19.31 -3.17
CL CL E . -15.02 20.28 3.29
MN MN F . 6.62 -16.67 5.64
CL CL G . 10.79 -15.32 3.03
#